data_4ZA6
#
_entry.id   4ZA6
#
_cell.length_a   91.630
_cell.length_b   91.630
_cell.length_c   145.220
_cell.angle_alpha   90.00
_cell.angle_beta   90.00
_cell.angle_gamma   90.00
#
_symmetry.space_group_name_H-M   'I 41'
#
loop_
_entity.id
_entity.type
_entity.pdbx_description
1 polymer 'TetR family transcriptional regulator'
2 non-polymer (4S)-2-METHYL-2,4-PENTANEDIOL
3 non-polymer 'ACETATE ION'
4 non-polymer 'CALCIUM ION'
5 water water
#
_entity_poly.entity_id   1
_entity_poly.type   'polypeptide(L)'
_entity_poly.pdbx_seq_one_letter_code
;MPTDLERRRAIDTAASMYLAEEPLDMSLLAERLGVGRATLYRWVGNRDELLGTVLAEATERTYRKAMSQASGQGPEYILD
VFGRVMRSVESSTELRALTKREPMVFIKLAMMPGSIESISASITAEILQSQVDAGQLTITLSPQVLGEALVRICDVHLYA
PLLGREKAEIETALDLIALLLGVTRNHHHHHH
;
_entity_poly.pdbx_strand_id   A,B
#
# COMPACT_ATOMS: atom_id res chain seq x y z
N PRO A 2 23.49 4.39 17.09
CA PRO A 2 22.57 3.46 17.77
C PRO A 2 22.24 2.23 16.93
N THR A 3 21.68 1.18 17.57
CA THR A 3 21.12 0.04 16.87
C THR A 3 19.72 0.51 16.39
N ASP A 4 19.11 -0.19 15.45
CA ASP A 4 17.76 0.17 15.01
C ASP A 4 16.81 0.14 16.20
N LEU A 5 17.01 -0.82 17.11
CA LEU A 5 16.20 -1.02 18.31
C LEU A 5 16.33 0.14 19.31
N GLU A 6 17.56 0.56 19.64
CA GLU A 6 17.77 1.70 20.54
C GLU A 6 17.02 2.96 20.04
N ARG A 7 17.21 3.31 18.75
CA ARG A 7 16.55 4.43 18.08
C ARG A 7 15.02 4.26 18.11
N ARG A 8 14.51 3.04 17.84
CA ARG A 8 13.07 2.74 17.89
C ARG A 8 12.46 3.04 19.27
N ARG A 9 13.13 2.63 20.37
CA ARG A 9 12.67 2.90 21.73
C ARG A 9 12.59 4.41 21.91
N ALA A 10 13.63 5.14 21.45
CA ALA A 10 13.70 6.59 21.54
C ALA A 10 12.57 7.29 20.77
N ILE A 11 12.33 6.89 19.50
CA ILE A 11 11.26 7.50 18.69
C ILE A 11 9.89 7.16 19.25
N ASP A 12 9.68 5.89 19.64
CA ASP A 12 8.41 5.47 20.22
C ASP A 12 8.05 6.27 21.46
N THR A 13 9.05 6.52 22.33
CA THR A 13 8.85 7.29 23.56
C THR A 13 8.57 8.74 23.23
N ALA A 14 9.35 9.32 22.31
CA ALA A 14 9.17 10.71 21.85
C ALA A 14 7.78 10.90 21.19
N ALA A 15 7.33 9.92 20.40
CA ALA A 15 6.01 9.89 19.74
C ALA A 15 4.88 9.85 20.78
N SER A 16 5.06 9.13 21.91
CA SER A 16 4.03 9.10 22.97
C SER A 16 3.87 10.47 23.64
N MET A 17 4.97 11.23 23.78
CA MET A 17 4.97 12.57 24.34
C MET A 17 4.21 13.51 23.41
N TYR A 18 4.42 13.39 22.08
CA TYR A 18 3.72 14.18 21.05
C TYR A 18 2.21 13.89 21.11
N LEU A 19 1.85 12.59 21.11
CA LEU A 19 0.47 12.12 21.20
C LEU A 19 -0.21 12.50 22.50
N ALA A 20 0.56 12.63 23.59
CA ALA A 20 0.03 13.01 24.90
C ALA A 20 -0.02 14.54 25.08
N GLU A 21 0.39 15.30 24.06
CA GLU A 21 0.45 16.76 23.98
C GLU A 21 1.44 17.36 24.96
N GLU A 22 2.52 16.64 25.19
CA GLU A 22 3.58 17.06 26.10
C GLU A 22 4.71 17.58 25.23
N PRO A 23 5.37 18.70 25.59
CA PRO A 23 6.52 19.15 24.79
C PRO A 23 7.64 18.11 24.82
N LEU A 24 8.49 18.08 23.78
CA LEU A 24 9.58 17.11 23.69
C LEU A 24 10.80 17.49 24.54
N ASP A 25 10.72 17.22 25.83
CA ASP A 25 11.77 17.52 26.80
C ASP A 25 12.81 16.42 26.74
N MET A 26 14.00 16.74 26.19
CA MET A 26 15.12 15.80 25.99
C MET A 26 15.66 15.20 27.28
N SER A 27 15.56 15.94 28.40
CA SER A 27 15.97 15.45 29.71
C SER A 27 14.95 14.42 30.23
N LEU A 28 13.63 14.72 30.10
CA LEU A 28 12.52 13.84 30.47
C LEU A 28 12.66 12.57 29.61
N LEU A 29 12.86 12.72 28.28
CA LEU A 29 13.05 11.60 27.36
C LEU A 29 14.24 10.70 27.77
N ALA A 30 15.42 11.30 28.00
CA ALA A 30 16.61 10.55 28.43
C ALA A 30 16.34 9.78 29.73
N GLU A 31 15.61 10.40 30.70
CA GLU A 31 15.27 9.76 31.97
C GLU A 31 14.33 8.57 31.72
N ARG A 32 13.28 8.75 30.88
CA ARG A 32 12.34 7.66 30.54
C ARG A 32 13.05 6.47 29.88
N LEU A 33 14.05 6.75 29.04
CA LEU A 33 14.84 5.72 28.36
C LEU A 33 15.90 5.06 29.24
N GLY A 34 16.21 5.71 30.34
CA GLY A 34 17.26 5.26 31.25
C GLY A 34 18.63 5.50 30.65
N VAL A 35 18.77 6.59 29.88
CA VAL A 35 20.06 6.95 29.26
C VAL A 35 20.50 8.38 29.63
N GLY A 36 21.79 8.64 29.47
CA GLY A 36 22.36 9.95 29.69
C GLY A 36 22.05 10.83 28.50
N ARG A 37 22.06 12.15 28.71
CA ARG A 37 21.77 13.16 27.67
C ARG A 37 22.69 13.06 26.46
N ALA A 38 23.96 12.72 26.67
CA ALA A 38 24.96 12.56 25.62
C ALA A 38 24.63 11.34 24.75
N THR A 39 24.26 10.19 25.36
CA THR A 39 23.86 8.95 24.68
C THR A 39 22.62 9.22 23.80
N LEU A 40 21.60 9.91 24.39
CA LEU A 40 20.39 10.26 23.64
C LEU A 40 20.69 11.10 22.37
N TYR A 41 21.54 12.16 22.49
CA TYR A 41 21.94 13.01 21.36
C TYR A 41 22.60 12.17 20.26
N ARG A 42 23.52 11.26 20.65
CA ARG A 42 24.21 10.34 19.76
C ARG A 42 23.24 9.45 19.00
N TRP A 43 22.13 9.05 19.66
CA TRP A 43 21.11 8.19 19.05
C TRP A 43 20.18 8.87 18.08
N VAL A 44 19.63 10.04 18.46
CA VAL A 44 18.60 10.72 17.66
C VAL A 44 18.91 12.16 17.21
N GLY A 45 20.01 12.73 17.69
CA GLY A 45 20.34 14.11 17.37
C GLY A 45 19.63 15.04 18.32
N ASN A 46 19.55 16.32 17.96
CA ASN A 46 18.87 17.30 18.82
C ASN A 46 17.33 17.12 18.80
N ARG A 47 16.65 17.90 19.63
CA ARG A 47 15.21 17.96 19.82
C ARG A 47 14.45 18.19 18.51
N ASP A 48 14.97 19.08 17.63
CA ASP A 48 14.32 19.38 16.36
C ASP A 48 14.40 18.20 15.37
N GLU A 49 15.58 17.54 15.30
CA GLU A 49 15.80 16.37 14.43
C GLU A 49 14.89 15.23 14.85
N LEU A 50 14.77 14.99 16.18
CA LEU A 50 13.90 13.95 16.74
C LEU A 50 12.42 14.28 16.51
N LEU A 51 12.00 15.53 16.72
CA LEU A 51 10.60 15.91 16.48
C LEU A 51 10.24 15.74 15.01
N GLY A 52 11.15 16.09 14.10
CA GLY A 52 10.98 15.91 12.67
C GLY A 52 10.75 14.45 12.31
N THR A 53 11.50 13.53 12.94
CA THR A 53 11.38 12.07 12.71
C THR A 53 10.03 11.59 13.17
N VAL A 54 9.61 12.05 14.38
CA VAL A 54 8.34 11.71 15.02
C VAL A 54 7.18 12.13 14.09
N LEU A 55 7.23 13.38 13.62
CA LEU A 55 6.22 13.95 12.73
C LEU A 55 6.23 13.33 11.35
N ALA A 56 7.41 12.93 10.85
CA ALA A 56 7.53 12.25 9.55
C ALA A 56 6.88 10.87 9.62
N GLU A 57 7.08 10.12 10.73
CA GLU A 57 6.46 8.80 10.88
C GLU A 57 4.93 8.93 10.97
N ALA A 58 4.41 9.94 11.70
CA ALA A 58 2.98 10.25 11.83
C ALA A 58 2.42 10.65 10.45
N THR A 59 3.21 11.41 9.64
CA THR A 59 2.84 11.80 8.27
C THR A 59 2.63 10.53 7.39
N GLU A 60 3.57 9.58 7.46
CA GLU A 60 3.49 8.32 6.70
C GLU A 60 2.25 7.56 7.04
N ARG A 61 1.95 7.39 8.36
CA ARG A 61 0.71 6.71 8.81
C ARG A 61 -0.56 7.38 8.24
N THR A 62 -0.58 8.72 8.20
CA THR A 62 -1.70 9.51 7.67
C THR A 62 -1.89 9.23 6.16
N TYR A 63 -0.79 9.28 5.39
CA TYR A 63 -0.78 9.01 3.94
C TYR A 63 -1.27 7.59 3.63
N ARG A 64 -0.75 6.58 4.35
CA ARG A 64 -1.08 5.17 4.16
C ARG A 64 -2.55 4.90 4.40
N LYS A 65 -3.12 5.54 5.42
CA LYS A 65 -4.54 5.40 5.74
C LYS A 65 -5.35 6.03 4.62
N ALA A 66 -5.00 7.24 4.20
CA ALA A 66 -5.71 7.92 3.11
C ALA A 66 -5.64 7.14 1.80
N MET A 67 -4.49 6.50 1.48
CA MET A 67 -4.31 5.69 0.27
C MET A 67 -5.20 4.48 0.24
N SER A 68 -5.45 3.84 1.39
CA SER A 68 -6.30 2.65 1.47
C SER A 68 -7.79 3.04 1.44
N GLN A 69 -8.13 4.25 1.91
CA GLN A 69 -9.52 4.73 1.98
C GLN A 69 -9.98 5.56 0.78
N ALA A 70 -9.05 6.12 0.00
CA ALA A 70 -9.38 6.94 -1.18
C ALA A 70 -10.08 6.15 -2.30
N SER A 71 -10.98 6.83 -3.01
CA SER A 71 -11.79 6.31 -4.10
C SER A 71 -11.21 6.64 -5.46
N GLY A 72 -11.59 5.83 -6.44
CA GLY A 72 -11.28 6.02 -7.85
C GLY A 72 -9.86 5.72 -8.29
N GLN A 73 -9.49 6.23 -9.47
CA GLN A 73 -8.17 6.03 -10.09
C GLN A 73 -7.68 7.36 -10.64
N GLY A 74 -6.42 7.38 -11.06
CA GLY A 74 -5.78 8.54 -11.67
C GLY A 74 -5.80 9.82 -10.87
N PRO A 75 -5.97 10.98 -11.56
CA PRO A 75 -6.00 12.27 -10.84
C PRO A 75 -7.12 12.41 -9.82
N GLU A 76 -8.25 11.73 -10.01
CA GLU A 76 -9.34 11.81 -9.04
C GLU A 76 -8.99 11.09 -7.73
N TYR A 77 -8.21 9.99 -7.82
CA TYR A 77 -7.73 9.23 -6.65
C TYR A 77 -6.68 10.05 -5.92
N ILE A 78 -5.73 10.64 -6.67
CA ILE A 78 -4.66 11.46 -6.09
C ILE A 78 -5.27 12.64 -5.36
N LEU A 79 -6.29 13.28 -5.98
CA LEU A 79 -6.99 14.38 -5.36
C LEU A 79 -7.68 13.94 -4.07
N ASP A 80 -8.29 12.77 -4.08
CA ASP A 80 -8.95 12.24 -2.90
C ASP A 80 -7.96 11.96 -1.75
N VAL A 81 -6.81 11.33 -2.05
CA VAL A 81 -5.77 11.03 -1.04
C VAL A 81 -5.33 12.34 -0.36
N PHE A 82 -4.98 13.37 -1.18
CA PHE A 82 -4.52 14.68 -0.66
C PHE A 82 -5.53 15.42 0.16
N GLY A 83 -6.79 15.40 -0.28
CA GLY A 83 -7.88 16.02 0.46
C GLY A 83 -8.02 15.37 1.83
N ARG A 84 -7.99 14.01 1.87
CA ARG A 84 -8.08 13.20 3.09
C ARG A 84 -6.93 13.50 4.04
N VAL A 85 -5.68 13.47 3.52
CA VAL A 85 -4.48 13.74 4.31
C VAL A 85 -4.57 15.17 4.91
N MET A 86 -4.88 16.18 4.08
CA MET A 86 -4.95 17.57 4.55
C MET A 86 -6.01 17.82 5.62
N ARG A 87 -7.19 17.23 5.46
CA ARG A 87 -8.27 17.36 6.42
C ARG A 87 -7.98 16.61 7.71
N SER A 88 -7.22 15.48 7.61
CA SER A 88 -6.81 14.70 8.80
C SER A 88 -5.79 15.50 9.62
N VAL A 89 -4.86 16.13 8.93
CA VAL A 89 -3.84 17.00 9.55
C VAL A 89 -4.52 18.23 10.20
N GLU A 90 -5.46 18.87 9.49
CA GLU A 90 -6.21 20.03 9.99
C GLU A 90 -6.99 19.69 11.31
N SER A 91 -7.56 18.48 11.42
CA SER A 91 -8.32 18.07 12.61
C SER A 91 -7.47 17.43 13.72
N SER A 92 -6.13 17.43 13.58
CA SER A 92 -5.25 16.82 14.59
C SER A 92 -5.14 17.65 15.85
N THR A 93 -5.58 17.11 16.99
CA THR A 93 -5.49 17.80 18.30
C THR A 93 -4.03 17.86 18.78
N GLU A 94 -3.26 16.77 18.60
CA GLU A 94 -1.84 16.69 18.95
C GLU A 94 -1.00 17.71 18.15
N LEU A 95 -1.26 17.84 16.84
CA LEU A 95 -0.56 18.85 16.03
C LEU A 95 -0.92 20.24 16.53
N ARG A 96 -2.23 20.49 16.74
CA ARG A 96 -2.77 21.76 17.22
C ARG A 96 -2.09 22.24 18.49
N ALA A 97 -1.87 21.33 19.46
CA ALA A 97 -1.20 21.62 20.73
C ALA A 97 0.27 21.99 20.48
N LEU A 98 0.93 21.27 19.56
CA LEU A 98 2.33 21.48 19.19
C LEU A 98 2.49 22.83 18.49
N THR A 99 1.64 23.11 17.48
CA THR A 99 1.69 24.36 16.71
C THR A 99 1.41 25.60 17.53
N LYS A 100 0.59 25.48 18.58
CA LYS A 100 0.26 26.59 19.48
C LYS A 100 1.45 26.93 20.35
N ARG A 101 2.17 25.91 20.81
CA ARG A 101 3.32 26.10 21.69
C ARG A 101 4.63 26.47 20.96
N GLU A 102 4.91 25.83 19.79
CA GLU A 102 6.16 26.00 19.06
C GLU A 102 5.91 26.27 17.58
N PRO A 103 5.29 27.39 17.19
CA PRO A 103 5.01 27.61 15.77
C PRO A 103 6.24 27.70 14.87
N MET A 104 7.29 28.40 15.30
CA MET A 104 8.53 28.58 14.53
C MET A 104 9.28 27.28 14.30
N VAL A 105 9.31 26.39 15.32
CA VAL A 105 9.95 25.06 15.19
C VAL A 105 9.19 24.30 14.13
N PHE A 106 7.84 24.29 14.23
CA PHE A 106 7.01 23.57 13.27
C PHE A 106 7.11 24.11 11.83
N ILE A 107 7.13 25.44 11.65
CA ILE A 107 7.25 26.02 10.30
C ILE A 107 8.49 25.44 9.63
N LYS A 108 9.60 25.42 10.39
CA LYS A 108 10.91 24.90 9.96
C LYS A 108 10.84 23.42 9.61
N LEU A 109 10.31 22.59 10.51
CA LEU A 109 10.21 21.14 10.26
C LEU A 109 9.29 20.74 9.09
N ALA A 110 8.19 21.49 8.90
CA ALA A 110 7.18 21.21 7.88
C ALA A 110 7.37 21.86 6.52
N MET A 111 7.87 23.11 6.49
CA MET A 111 7.91 23.87 5.23
C MET A 111 9.26 24.21 4.65
N MET A 112 10.30 23.70 5.29
CA MET A 112 11.68 23.80 4.85
C MET A 112 12.03 22.37 4.46
N PRO A 113 12.93 22.10 3.47
CA PRO A 113 13.32 20.71 3.21
C PRO A 113 13.80 20.04 4.50
N GLY A 114 13.36 18.80 4.70
CA GLY A 114 13.68 18.04 5.90
C GLY A 114 12.87 16.77 5.93
N SER A 115 12.73 16.16 7.11
CA SER A 115 12.02 14.91 7.33
C SER A 115 10.57 14.84 6.83
N ILE A 116 9.74 15.80 7.22
CA ILE A 116 8.32 15.85 6.80
C ILE A 116 8.16 15.95 5.28
N GLU A 117 8.81 16.96 4.62
CA GLU A 117 8.72 17.10 3.17
C GLU A 117 9.28 15.89 2.42
N SER A 118 10.37 15.24 2.91
CA SER A 118 10.97 14.07 2.23
C SER A 118 10.06 12.88 2.20
N ILE A 119 9.44 12.52 3.34
CA ILE A 119 8.53 11.38 3.37
C ILE A 119 7.25 11.69 2.57
N SER A 120 6.72 12.93 2.69
CA SER A 120 5.54 13.36 1.94
C SER A 120 5.82 13.21 0.42
N ALA A 121 6.99 13.72 -0.05
CA ALA A 121 7.44 13.66 -1.46
C ALA A 121 7.68 12.20 -1.96
N SER A 122 8.30 11.34 -1.14
CA SER A 122 8.55 9.94 -1.53
C SER A 122 7.27 9.10 -1.55
N ILE A 123 6.34 9.33 -0.61
CA ILE A 123 5.05 8.63 -0.65
C ILE A 123 4.23 9.16 -1.82
N THR A 124 4.25 10.51 -2.07
CA THR A 124 3.54 11.05 -3.24
C THR A 124 4.09 10.44 -4.55
N ALA A 125 5.43 10.35 -4.69
CA ALA A 125 6.15 9.77 -5.83
C ALA A 125 5.66 8.31 -6.08
N GLU A 126 5.49 7.55 -5.01
CA GLU A 126 5.02 6.15 -5.03
C GLU A 126 3.56 6.09 -5.55
N ILE A 127 2.70 7.01 -5.07
CA ILE A 127 1.30 7.13 -5.49
C ILE A 127 1.27 7.44 -7.01
N LEU A 128 2.09 8.38 -7.46
CA LEU A 128 2.19 8.76 -8.86
C LEU A 128 2.66 7.61 -9.72
N GLN A 129 3.70 6.88 -9.28
CA GLN A 129 4.25 5.76 -10.03
C GLN A 129 3.23 4.64 -10.15
N SER A 130 2.50 4.32 -9.08
CA SER A 130 1.47 3.27 -9.13
C SER A 130 0.35 3.62 -10.09
N GLN A 131 -0.05 4.90 -10.12
CA GLN A 131 -1.09 5.37 -11.06
C GLN A 131 -0.62 5.31 -12.51
N VAL A 132 0.68 5.58 -12.77
CA VAL A 132 1.32 5.49 -14.10
C VAL A 132 1.41 4.02 -14.48
N ASP A 133 1.79 3.16 -13.52
CA ASP A 133 1.91 1.71 -13.70
C ASP A 133 0.56 1.06 -14.01
N ALA A 134 -0.53 1.61 -13.45
CA ALA A 134 -1.91 1.15 -13.66
C ALA A 134 -2.52 1.66 -14.98
N GLY A 135 -1.77 2.46 -15.74
CA GLY A 135 -2.25 3.07 -16.97
C GLY A 135 -3.33 4.11 -16.73
N GLN A 136 -3.33 4.72 -15.54
CA GLN A 136 -4.33 5.70 -15.10
C GLN A 136 -3.84 7.15 -15.07
N LEU A 137 -2.54 7.34 -15.30
CA LEU A 137 -1.97 8.68 -15.24
C LEU A 137 -0.91 8.92 -16.31
N THR A 138 -1.00 10.05 -16.98
CA THR A 138 -0.03 10.45 -17.98
C THR A 138 0.78 11.64 -17.40
N ILE A 139 2.09 11.44 -17.23
CA ILE A 139 2.96 12.49 -16.71
C ILE A 139 4.14 12.72 -17.62
N THR A 140 4.68 13.96 -17.62
CA THR A 140 5.82 14.35 -18.47
C THR A 140 7.09 14.49 -17.67
N LEU A 141 6.95 14.67 -16.35
CA LEU A 141 8.06 14.79 -15.42
C LEU A 141 8.07 13.56 -14.56
N SER A 142 9.19 13.25 -13.91
CA SER A 142 9.28 12.04 -13.10
C SER A 142 8.39 12.09 -11.85
N PRO A 143 7.92 10.93 -11.34
CA PRO A 143 7.09 10.94 -10.12
C PRO A 143 7.79 11.64 -8.94
N GLN A 144 9.14 11.55 -8.87
CA GLN A 144 9.99 12.15 -7.84
C GLN A 144 9.93 13.65 -7.95
N VAL A 145 10.03 14.17 -9.18
CA VAL A 145 9.93 15.61 -9.47
C VAL A 145 8.51 16.13 -9.15
N LEU A 146 7.48 15.42 -9.63
CA LEU A 146 6.10 15.84 -9.37
C LEU A 146 5.66 15.70 -7.90
N GLY A 147 6.13 14.66 -7.22
CA GLY A 147 5.85 14.39 -5.81
C GLY A 147 6.39 15.51 -4.93
N GLU A 148 7.66 15.90 -5.15
CA GLU A 148 8.29 17.00 -4.44
C GLU A 148 7.55 18.33 -4.72
N ALA A 149 7.16 18.56 -6.01
CA ALA A 149 6.44 19.76 -6.42
C ALA A 149 5.06 19.87 -5.76
N LEU A 150 4.31 18.75 -5.70
CA LEU A 150 2.98 18.70 -5.07
C LEU A 150 3.09 19.07 -3.58
N VAL A 151 4.07 18.50 -2.86
CA VAL A 151 4.29 18.76 -1.44
C VAL A 151 4.63 20.24 -1.22
N ARG A 152 5.60 20.75 -1.99
CA ARG A 152 6.05 22.16 -1.87
C ARG A 152 4.94 23.17 -2.11
N ILE A 153 4.04 22.91 -3.10
CA ILE A 153 2.94 23.83 -3.45
C ILE A 153 1.81 23.79 -2.49
N CYS A 154 1.57 22.61 -1.87
CA CYS A 154 0.47 22.35 -0.95
C CYS A 154 0.71 22.73 0.47
N ASP A 155 1.91 22.39 1.01
CA ASP A 155 2.13 22.59 2.43
C ASP A 155 1.96 24.01 2.99
N VAL A 156 2.33 25.05 2.22
CA VAL A 156 2.14 26.45 2.68
C VAL A 156 0.65 26.80 2.81
N HIS A 157 -0.21 26.09 2.04
CA HIS A 157 -1.66 26.32 2.09
C HIS A 157 -2.26 25.56 3.23
N LEU A 158 -1.84 24.28 3.41
CA LEU A 158 -2.32 23.50 4.56
C LEU A 158 -2.04 24.24 5.87
N TYR A 159 -0.84 24.80 5.99
CA TYR A 159 -0.41 25.49 7.20
C TYR A 159 -0.52 27.00 7.15
N ALA A 160 -1.38 27.55 6.25
CA ALA A 160 -1.62 28.99 6.06
C ALA A 160 -1.88 29.79 7.37
N PRO A 161 -2.59 29.26 8.41
CA PRO A 161 -2.75 30.04 9.65
C PRO A 161 -1.44 30.35 10.39
N LEU A 162 -0.39 29.51 10.22
CA LEU A 162 0.92 29.74 10.82
C LEU A 162 1.72 30.82 10.09
N LEU A 163 1.28 31.12 8.87
CA LEU A 163 1.94 32.08 7.99
C LEU A 163 1.18 33.39 7.91
N GLY A 164 0.25 33.59 8.83
CA GLY A 164 -0.53 34.82 8.94
C GLY A 164 -1.90 34.84 8.32
N ARG A 165 -2.36 33.71 7.80
CA ARG A 165 -3.70 33.65 7.18
C ARG A 165 -4.79 33.16 8.11
N GLU A 166 -6.04 33.22 7.67
CA GLU A 166 -7.18 32.89 8.50
C GLU A 166 -7.41 31.41 8.76
N LYS A 167 -7.22 30.56 7.74
CA LYS A 167 -7.52 29.13 7.83
C LYS A 167 -6.66 28.29 6.89
N ALA A 168 -6.69 26.94 7.08
CA ALA A 168 -5.98 25.99 6.22
C ALA A 168 -6.64 26.13 4.87
N GLU A 169 -5.85 26.41 3.82
CA GLU A 169 -6.38 26.61 2.46
C GLU A 169 -6.39 25.31 1.65
N ILE A 170 -7.22 24.35 2.08
CA ILE A 170 -7.29 23.02 1.46
C ILE A 170 -7.74 23.02 0.01
N GLU A 171 -8.83 23.76 -0.32
CA GLU A 171 -9.34 23.86 -1.69
C GLU A 171 -8.35 24.46 -2.65
N THR A 172 -7.62 25.49 -2.22
CA THR A 172 -6.59 26.11 -3.04
C THR A 172 -5.46 25.12 -3.26
N ALA A 173 -5.09 24.33 -2.26
CA ALA A 173 -4.02 23.34 -2.42
C ALA A 173 -4.46 22.27 -3.43
N LEU A 174 -5.75 21.85 -3.38
CA LEU A 174 -6.29 20.87 -4.33
C LEU A 174 -6.30 21.40 -5.76
N ASP A 175 -6.60 22.71 -5.92
CA ASP A 175 -6.63 23.37 -7.23
C ASP A 175 -5.23 23.32 -7.85
N LEU A 176 -4.20 23.52 -7.02
CA LEU A 176 -2.78 23.46 -7.42
C LEU A 176 -2.35 22.04 -7.82
N ILE A 177 -2.83 21.01 -7.08
CA ILE A 177 -2.57 19.59 -7.42
C ILE A 177 -3.19 19.28 -8.77
N ALA A 178 -4.48 19.66 -8.96
CA ALA A 178 -5.22 19.49 -10.23
C ALA A 178 -4.42 20.10 -11.39
N LEU A 179 -4.02 21.38 -11.25
CA LEU A 179 -3.22 22.13 -12.24
C LEU A 179 -1.91 21.42 -12.52
N LEU A 180 -1.23 20.92 -11.49
CA LEU A 180 0.02 20.19 -11.69
C LEU A 180 -0.21 18.87 -12.45
N LEU A 181 -1.36 18.22 -12.24
CA LEU A 181 -1.71 16.96 -12.89
C LEU A 181 -2.32 17.16 -14.30
N GLY A 182 -2.57 18.40 -14.69
CA GLY A 182 -3.17 18.72 -15.97
C GLY A 182 -4.67 18.47 -16.02
N VAL A 183 -5.37 18.54 -14.86
CA VAL A 183 -6.83 18.34 -14.81
C VAL A 183 -7.57 19.58 -14.31
N THR A 184 -8.89 19.61 -14.49
CA THR A 184 -9.68 20.76 -14.07
C THR A 184 -10.53 20.44 -12.87
N ARG A 185 -10.77 21.48 -12.06
CA ARG A 185 -11.68 21.41 -10.93
C ARG A 185 -12.82 22.38 -11.22
N ASN A 186 -14.03 21.86 -11.40
CA ASN A 186 -15.18 22.70 -11.70
C ASN A 186 -15.92 23.01 -10.40
N HIS A 187 -15.60 24.16 -9.78
CA HIS A 187 -16.18 24.61 -8.51
C HIS A 187 -17.55 25.22 -8.72
N HIS A 188 -18.45 25.01 -7.74
CA HIS A 188 -19.80 25.57 -7.70
C HIS A 188 -20.14 25.87 -6.24
N HIS A 189 -20.84 26.99 -6.01
CA HIS A 189 -21.26 27.55 -4.72
C HIS A 189 -20.05 28.17 -4.02
N PRO B 2 -5.24 -23.70 16.78
CA PRO B 2 -6.17 -22.59 17.06
C PRO B 2 -7.62 -22.91 16.72
N THR B 3 -8.56 -22.09 17.23
CA THR B 3 -9.97 -22.17 16.86
C THR B 3 -10.01 -21.40 15.53
N ASP B 4 -11.09 -21.53 14.74
CA ASP B 4 -11.21 -20.77 13.49
C ASP B 4 -11.17 -19.27 13.80
N LEU B 5 -11.78 -18.86 14.92
CA LEU B 5 -11.85 -17.48 15.36
C LEU B 5 -10.46 -16.91 15.72
N GLU B 6 -9.66 -17.69 16.47
CA GLU B 6 -8.30 -17.25 16.82
C GLU B 6 -7.46 -16.95 15.57
N ARG B 7 -7.45 -17.88 14.62
CA ARG B 7 -6.75 -17.78 13.34
C ARG B 7 -7.31 -16.58 12.54
N ARG B 8 -8.65 -16.37 12.54
CA ARG B 8 -9.28 -15.24 11.85
C ARG B 8 -8.78 -13.89 12.37
N ARG B 9 -8.69 -13.72 13.70
CA ARG B 9 -8.18 -12.48 14.30
C ARG B 9 -6.75 -12.26 13.81
N ALA B 10 -5.92 -13.34 13.81
CA ALA B 10 -4.54 -13.30 13.37
C ALA B 10 -4.40 -12.93 11.89
N ILE B 11 -5.20 -13.58 11.00
CA ILE B 11 -5.17 -13.31 9.54
C ILE B 11 -5.65 -11.88 9.26
N ASP B 12 -6.76 -11.46 9.91
CA ASP B 12 -7.31 -10.12 9.72
C ASP B 12 -6.32 -9.02 10.11
N THR B 13 -5.58 -9.22 11.21
CA THR B 13 -4.59 -8.26 11.69
C THR B 13 -3.41 -8.22 10.74
N ALA B 14 -2.94 -9.40 10.30
CA ALA B 14 -1.83 -9.52 9.35
C ALA B 14 -2.19 -8.87 8.00
N ALA B 15 -3.44 -9.04 7.53
CA ALA B 15 -3.98 -8.44 6.30
C ALA B 15 -4.00 -6.91 6.40
N SER B 16 -4.32 -6.34 7.60
CA SER B 16 -4.30 -4.88 7.78
C SER B 16 -2.88 -4.29 7.65
N MET B 17 -1.87 -5.04 8.10
CA MET B 17 -0.46 -4.66 7.99
C MET B 17 -0.06 -4.63 6.52
N TYR B 18 -0.48 -5.64 5.75
CA TYR B 18 -0.21 -5.77 4.31
C TYR B 18 -0.83 -4.57 3.58
N LEU B 19 -2.12 -4.28 3.86
CA LEU B 19 -2.91 -3.16 3.30
C LEU B 19 -2.33 -1.78 3.67
N ALA B 20 -1.61 -1.67 4.80
CA ALA B 20 -1.01 -0.38 5.20
C ALA B 20 0.47 -0.33 4.80
N GLU B 21 0.87 -1.31 3.97
CA GLU B 21 2.20 -1.46 3.38
C GLU B 21 3.30 -1.62 4.42
N GLU B 22 2.93 -2.26 5.53
CA GLU B 22 3.82 -2.51 6.67
C GLU B 22 4.34 -3.91 6.53
N PRO B 23 5.65 -4.17 6.77
CA PRO B 23 6.13 -5.56 6.70
C PRO B 23 5.47 -6.39 7.78
N LEU B 24 5.34 -7.70 7.54
CA LEU B 24 4.74 -8.60 8.51
C LEU B 24 5.74 -8.91 9.62
N ASP B 25 5.67 -8.11 10.69
CA ASP B 25 6.52 -8.26 11.86
C ASP B 25 5.72 -9.11 12.85
N MET B 26 6.14 -10.37 13.04
CA MET B 26 5.50 -11.35 13.92
C MET B 26 5.45 -10.91 15.38
N SER B 27 6.47 -10.17 15.86
CA SER B 27 6.50 -9.62 17.23
C SER B 27 5.45 -8.50 17.40
N LEU B 28 5.31 -7.62 16.38
CA LEU B 28 4.33 -6.53 16.32
C LEU B 28 2.94 -7.19 16.28
N LEU B 29 2.74 -8.17 15.36
CA LEU B 29 1.47 -8.88 15.24
C LEU B 29 1.04 -9.60 16.56
N ALA B 30 1.96 -10.35 17.20
CA ALA B 30 1.65 -11.01 18.47
C ALA B 30 1.27 -10.00 19.56
N GLU B 31 1.97 -8.84 19.62
CA GLU B 31 1.68 -7.76 20.57
C GLU B 31 0.28 -7.18 20.29
N ARG B 32 -0.08 -6.92 19.02
CA ARG B 32 -1.41 -6.42 18.63
C ARG B 32 -2.53 -7.41 19.01
N LEU B 33 -2.25 -8.71 18.89
CA LEU B 33 -3.19 -9.76 19.25
C LEU B 33 -3.30 -10.02 20.74
N GLY B 34 -2.32 -9.54 21.50
CA GLY B 34 -2.22 -9.77 22.93
C GLY B 34 -1.83 -11.22 23.22
N VAL B 35 -1.00 -11.80 22.34
CA VAL B 35 -0.52 -13.19 22.51
C VAL B 35 1.01 -13.26 22.49
N GLY B 36 1.55 -14.34 23.03
CA GLY B 36 2.99 -14.58 23.00
C GLY B 36 3.40 -15.02 21.61
N ARG B 37 4.68 -14.82 21.25
CA ARG B 37 5.18 -15.21 19.92
C ARG B 37 5.06 -16.71 19.65
N ALA B 38 5.17 -17.55 20.70
CA ALA B 38 5.00 -19.01 20.61
C ALA B 38 3.53 -19.36 20.29
N THR B 39 2.54 -18.69 20.94
CA THR B 39 1.12 -18.95 20.65
C THR B 39 0.79 -18.58 19.18
N LEU B 40 1.27 -17.41 18.72
CA LEU B 40 1.07 -16.95 17.35
C LEU B 40 1.60 -17.96 16.32
N TYR B 41 2.86 -18.44 16.53
CA TYR B 41 3.48 -19.46 15.65
C TYR B 41 2.59 -20.72 15.58
N ARG B 42 2.09 -21.18 16.74
CA ARG B 42 1.20 -22.34 16.87
C ARG B 42 -0.10 -22.12 16.08
N TRP B 43 -0.59 -20.88 16.04
CA TRP B 43 -1.82 -20.52 15.33
C TRP B 43 -1.68 -20.44 13.82
N VAL B 44 -0.66 -19.75 13.31
CA VAL B 44 -0.51 -19.46 11.89
C VAL B 44 0.80 -19.93 11.23
N GLY B 45 1.75 -20.40 12.02
CA GLY B 45 3.04 -20.80 11.48
C GLY B 45 3.97 -19.60 11.38
N ASN B 46 5.05 -19.75 10.60
CA ASN B 46 6.03 -18.68 10.39
C ASN B 46 5.46 -17.54 9.53
N ARG B 47 6.21 -16.46 9.44
CA ARG B 47 5.94 -15.23 8.72
C ARG B 47 5.59 -15.47 7.23
N ASP B 48 6.25 -16.45 6.59
CA ASP B 48 5.99 -16.78 5.18
C ASP B 48 4.66 -17.50 5.00
N GLU B 49 4.33 -18.47 5.89
CA GLU B 49 3.09 -19.23 5.86
C GLU B 49 1.89 -18.31 6.05
N LEU B 50 2.02 -17.35 6.99
CA LEU B 50 0.97 -16.37 7.27
C LEU B 50 0.80 -15.39 6.11
N LEU B 51 1.91 -14.90 5.54
CA LEU B 51 1.81 -13.98 4.38
C LEU B 51 1.15 -14.67 3.19
N GLY B 52 1.48 -15.94 2.96
CA GLY B 52 0.86 -16.75 1.91
C GLY B 52 -0.64 -16.86 2.08
N THR B 53 -1.11 -17.02 3.34
CA THR B 53 -2.55 -17.12 3.66
C THR B 53 -3.24 -15.81 3.36
N VAL B 54 -2.61 -14.69 3.79
CA VAL B 54 -3.08 -13.32 3.63
C VAL B 54 -3.24 -13.04 2.13
N LEU B 55 -2.21 -13.36 1.35
CA LEU B 55 -2.20 -13.14 -0.12
C LEU B 55 -3.16 -14.07 -0.85
N ALA B 56 -3.35 -15.31 -0.35
CA ALA B 56 -4.31 -16.26 -0.94
C ALA B 56 -5.74 -15.76 -0.75
N GLU B 57 -6.06 -15.22 0.44
CA GLU B 57 -7.41 -14.67 0.69
C GLU B 57 -7.68 -13.44 -0.21
N ALA B 58 -6.68 -12.55 -0.36
CA ALA B 58 -6.74 -11.37 -1.24
C ALA B 58 -6.90 -11.84 -2.72
N THR B 59 -6.22 -12.95 -3.10
CA THR B 59 -6.34 -13.54 -4.45
C THR B 59 -7.79 -13.98 -4.71
N GLU B 60 -8.41 -14.68 -3.76
CA GLU B 60 -9.80 -15.16 -3.86
C GLU B 60 -10.74 -14.01 -4.07
N ARG B 61 -10.64 -12.95 -3.24
CA ARG B 61 -11.46 -11.74 -3.36
C ARG B 61 -11.34 -11.12 -4.76
N THR B 62 -10.13 -11.06 -5.32
CA THR B 62 -9.85 -10.54 -6.66
C THR B 62 -10.57 -11.36 -7.73
N TYR B 63 -10.44 -12.70 -7.66
CA TYR B 63 -11.08 -13.64 -8.59
C TYR B 63 -12.62 -13.52 -8.56
N ARG B 64 -13.22 -13.49 -7.35
CA ARG B 64 -14.66 -13.41 -7.14
C ARG B 64 -15.24 -12.13 -7.72
N LYS B 65 -14.53 -11.01 -7.55
CA LYS B 65 -14.94 -9.72 -8.08
C LYS B 65 -14.88 -9.80 -9.60
N ALA B 66 -13.77 -10.30 -10.17
CA ALA B 66 -13.65 -10.42 -11.61
C ALA B 66 -14.71 -11.33 -12.23
N MET B 67 -15.09 -12.44 -11.54
CA MET B 67 -16.13 -13.37 -11.99
C MET B 67 -17.51 -12.72 -12.08
N SER B 68 -17.83 -11.81 -11.15
CA SER B 68 -19.12 -11.14 -11.14
C SER B 68 -19.17 -10.00 -12.16
N GLN B 69 -18.00 -9.41 -12.50
CA GLN B 69 -17.91 -8.29 -13.44
C GLN B 69 -17.60 -8.68 -14.89
N ALA B 70 -17.05 -9.89 -15.10
CA ALA B 70 -16.71 -10.35 -16.47
C ALA B 70 -17.92 -10.55 -17.36
N SER B 71 -17.73 -10.30 -18.67
CA SER B 71 -18.73 -10.36 -19.74
C SER B 71 -18.67 -11.67 -20.50
N GLY B 72 -19.77 -12.01 -21.14
CA GLY B 72 -19.93 -13.16 -22.02
C GLY B 72 -19.98 -14.54 -21.37
N GLN B 73 -19.74 -15.56 -22.18
CA GLN B 73 -19.76 -16.97 -21.79
C GLN B 73 -18.55 -17.68 -22.41
N GLY B 74 -18.30 -18.91 -21.98
CA GLY B 74 -17.25 -19.76 -22.51
C GLY B 74 -15.85 -19.19 -22.46
N PRO B 75 -15.04 -19.44 -23.53
CA PRO B 75 -13.65 -18.95 -23.53
C PRO B 75 -13.51 -17.43 -23.47
N GLU B 76 -14.49 -16.68 -23.99
CA GLU B 76 -14.45 -15.21 -23.96
C GLU B 76 -14.63 -14.70 -22.52
N TYR B 77 -15.46 -15.38 -21.71
CA TYR B 77 -15.71 -15.05 -20.30
C TYR B 77 -14.47 -15.37 -19.49
N ILE B 78 -13.87 -16.56 -19.74
CA ILE B 78 -12.67 -17.03 -19.05
C ILE B 78 -11.54 -16.04 -19.29
N LEU B 79 -11.34 -15.65 -20.56
CA LEU B 79 -10.35 -14.64 -20.94
C LEU B 79 -10.59 -13.31 -20.24
N ASP B 80 -11.85 -12.90 -20.12
CA ASP B 80 -12.17 -11.65 -19.46
C ASP B 80 -11.84 -11.69 -17.96
N VAL B 81 -12.21 -12.78 -17.26
CA VAL B 81 -11.93 -12.94 -15.82
C VAL B 81 -10.40 -12.83 -15.57
N PHE B 82 -9.59 -13.57 -16.34
CA PHE B 82 -8.13 -13.55 -16.21
C PHE B 82 -7.48 -12.23 -16.50
N GLY B 83 -7.94 -11.54 -17.53
CA GLY B 83 -7.46 -10.21 -17.89
C GLY B 83 -7.72 -9.24 -16.75
N ARG B 84 -8.96 -9.28 -16.19
CA ARG B 84 -9.38 -8.45 -15.05
C ARG B 84 -8.53 -8.71 -13.82
N VAL B 85 -8.35 -10.01 -13.45
CA VAL B 85 -7.58 -10.42 -12.28
C VAL B 85 -6.12 -9.90 -12.45
N MET B 86 -5.50 -10.18 -13.61
CA MET B 86 -4.10 -9.80 -13.85
C MET B 86 -3.86 -8.30 -13.81
N ARG B 87 -4.77 -7.50 -14.39
CA ARG B 87 -4.66 -6.05 -14.37
C ARG B 87 -4.92 -5.47 -12.99
N SER B 88 -5.78 -6.16 -12.18
CA SER B 88 -6.06 -5.71 -10.80
C SER B 88 -4.82 -5.94 -9.93
N VAL B 89 -4.16 -7.07 -10.12
CA VAL B 89 -2.93 -7.43 -9.41
C VAL B 89 -1.80 -6.46 -9.83
N GLU B 90 -1.65 -6.18 -11.13
CA GLU B 90 -0.65 -5.25 -11.66
C GLU B 90 -0.81 -3.81 -11.08
N SER B 91 -2.05 -3.34 -10.85
CA SER B 91 -2.29 -2.00 -10.29
C SER B 91 -2.31 -1.96 -8.74
N SER B 92 -1.97 -3.07 -8.07
CA SER B 92 -1.97 -3.10 -6.60
C SER B 92 -0.77 -2.36 -6.00
N THR B 93 -1.02 -1.27 -5.24
CA THR B 93 0.02 -0.48 -4.59
C THR B 93 0.61 -1.27 -3.41
N GLU B 94 -0.25 -1.95 -2.65
CA GLU B 94 0.07 -2.81 -1.52
C GLU B 94 1.05 -3.92 -1.98
N LEU B 95 0.70 -4.66 -3.06
CA LEU B 95 1.56 -5.71 -3.61
C LEU B 95 2.90 -5.12 -4.02
N ARG B 96 2.86 -3.99 -4.76
CA ARG B 96 4.04 -3.27 -5.26
C ARG B 96 5.02 -2.96 -4.13
N ALA B 97 4.50 -2.53 -2.96
CA ALA B 97 5.30 -2.22 -1.77
C ALA B 97 5.94 -3.49 -1.20
N LEU B 98 5.19 -4.58 -1.19
CA LEU B 98 5.63 -5.86 -0.69
C LEU B 98 6.71 -6.44 -1.62
N THR B 99 6.48 -6.43 -2.94
CA THR B 99 7.42 -6.97 -3.93
C THR B 99 8.74 -6.20 -4.00
N LYS B 100 8.71 -4.90 -3.67
CA LYS B 100 9.90 -4.05 -3.67
C LYS B 100 10.80 -4.39 -2.50
N ARG B 101 10.23 -4.68 -1.33
CA ARG B 101 10.99 -4.99 -0.13
C ARG B 101 11.38 -6.47 -0.01
N GLU B 102 10.50 -7.39 -0.41
CA GLU B 102 10.74 -8.82 -0.24
C GLU B 102 10.52 -9.59 -1.55
N PRO B 103 11.29 -9.34 -2.62
CA PRO B 103 11.00 -10.04 -3.88
C PRO B 103 11.14 -11.57 -3.84
N MET B 104 12.18 -12.09 -3.18
CA MET B 104 12.44 -13.52 -3.06
C MET B 104 11.36 -14.25 -2.29
N VAL B 105 10.84 -13.63 -1.20
CA VAL B 105 9.76 -14.22 -0.41
C VAL B 105 8.55 -14.34 -1.31
N PHE B 106 8.22 -13.23 -2.05
CA PHE B 106 7.06 -13.23 -2.94
C PHE B 106 7.17 -14.22 -4.10
N ILE B 107 8.36 -14.35 -4.73
CA ILE B 107 8.54 -15.29 -5.84
C ILE B 107 8.15 -16.69 -5.36
N LYS B 108 8.63 -17.04 -4.13
CA LYS B 108 8.35 -18.33 -3.48
C LYS B 108 6.86 -18.51 -3.21
N LEU B 109 6.21 -17.54 -2.56
CA LEU B 109 4.78 -17.65 -2.24
C LEU B 109 3.84 -17.72 -3.47
N ALA B 110 4.19 -16.99 -4.53
CA ALA B 110 3.39 -16.89 -5.75
C ALA B 110 3.67 -17.89 -6.86
N MET B 111 4.94 -18.26 -7.08
CA MET B 111 5.30 -19.08 -8.23
C MET B 111 5.80 -20.48 -7.98
N MET B 112 5.78 -20.88 -6.72
CA MET B 112 6.12 -22.22 -6.26
C MET B 112 4.79 -22.77 -5.78
N PRO B 113 4.50 -24.10 -5.85
CA PRO B 113 3.23 -24.58 -5.28
C PRO B 113 3.08 -24.13 -3.82
N GLY B 114 1.87 -23.73 -3.46
CA GLY B 114 1.59 -23.21 -2.13
C GLY B 114 0.21 -22.60 -2.09
N SER B 115 -0.04 -21.73 -1.09
CA SER B 115 -1.33 -21.07 -0.88
C SER B 115 -1.90 -20.30 -2.07
N ILE B 116 -1.12 -19.39 -2.65
CA ILE B 116 -1.56 -18.57 -3.80
C ILE B 116 -1.94 -19.44 -5.02
N GLU B 117 -1.02 -20.33 -5.51
CA GLU B 117 -1.31 -21.19 -6.65
C GLU B 117 -2.50 -22.15 -6.39
N SER B 118 -2.68 -22.68 -5.15
CA SER B 118 -3.79 -23.60 -4.85
C SER B 118 -5.15 -22.95 -4.96
N ILE B 119 -5.32 -21.76 -4.35
CA ILE B 119 -6.61 -21.06 -4.44
C ILE B 119 -6.87 -20.58 -5.87
N SER B 120 -5.83 -20.09 -6.57
CA SER B 120 -5.96 -19.65 -7.98
C SER B 120 -6.45 -20.83 -8.83
N ALA B 121 -5.81 -22.02 -8.68
CA ALA B 121 -6.14 -23.26 -9.41
C ALA B 121 -7.56 -23.81 -9.07
N SER B 122 -7.96 -23.78 -7.78
CA SER B 122 -9.29 -24.27 -7.38
C SER B 122 -10.41 -23.31 -7.82
N ILE B 123 -10.18 -21.99 -7.78
CA ILE B 123 -11.19 -21.04 -8.29
C ILE B 123 -11.25 -21.15 -9.81
N THR B 124 -10.06 -21.29 -10.49
CA THR B 124 -10.07 -21.48 -11.95
C THR B 124 -10.88 -22.75 -12.35
N ALA B 125 -10.67 -23.89 -11.63
CA ALA B 125 -11.39 -25.17 -11.86
C ALA B 125 -12.89 -24.97 -11.75
N GLU B 126 -13.32 -24.19 -10.74
CA GLU B 126 -14.72 -23.85 -10.50
C GLU B 126 -15.32 -23.06 -11.70
N ILE B 127 -14.57 -22.05 -12.22
CA ILE B 127 -14.96 -21.26 -13.41
C ILE B 127 -15.10 -22.22 -14.60
N LEU B 128 -14.12 -23.12 -14.79
CA LEU B 128 -14.13 -24.08 -15.90
C LEU B 128 -15.32 -25.01 -15.82
N GLN B 129 -15.58 -25.56 -14.60
CA GLN B 129 -16.69 -26.47 -14.38
C GLN B 129 -18.03 -25.81 -14.65
N SER B 130 -18.22 -24.56 -14.18
CA SER B 130 -19.47 -23.84 -14.41
C SER B 130 -19.71 -23.59 -15.89
N GLN B 131 -18.65 -23.26 -16.64
CA GLN B 131 -18.75 -23.05 -18.09
C GLN B 131 -19.09 -24.34 -18.85
N VAL B 132 -18.56 -25.50 -18.36
CA VAL B 132 -18.85 -26.83 -18.92
C VAL B 132 -20.29 -27.18 -18.58
N ASP B 133 -20.71 -26.90 -17.33
CA ASP B 133 -22.07 -27.14 -16.84
C ASP B 133 -23.12 -26.32 -17.60
N ALA B 134 -22.74 -25.11 -18.05
CA ALA B 134 -23.60 -24.20 -18.81
C ALA B 134 -23.66 -24.55 -20.31
N GLY B 135 -22.95 -25.60 -20.72
CA GLY B 135 -22.85 -26.01 -22.12
C GLY B 135 -22.12 -24.99 -22.98
N GLN B 136 -21.21 -24.21 -22.36
CA GLN B 136 -20.46 -23.13 -23.00
C GLN B 136 -18.98 -23.46 -23.23
N LEU B 137 -18.49 -24.56 -22.68
CA LEU B 137 -17.08 -24.92 -22.81
C LEU B 137 -16.86 -26.42 -23.05
N THR B 138 -16.02 -26.73 -24.04
CA THR B 138 -15.67 -28.12 -24.37
C THR B 138 -14.19 -28.35 -23.98
N ILE B 139 -13.97 -29.23 -22.99
CA ILE B 139 -12.63 -29.56 -22.52
C ILE B 139 -12.34 -31.04 -22.59
N THR B 140 -11.06 -31.41 -22.72
CA THR B 140 -10.62 -32.80 -22.84
C THR B 140 -9.99 -33.31 -21.54
N LEU B 141 -9.47 -32.36 -20.75
CA LEU B 141 -8.84 -32.64 -19.47
C LEU B 141 -9.75 -32.09 -18.38
N SER B 142 -9.56 -32.56 -17.15
CA SER B 142 -10.43 -32.15 -16.05
C SER B 142 -10.26 -30.65 -15.70
N PRO B 143 -11.32 -29.99 -15.15
CA PRO B 143 -11.18 -28.58 -14.75
C PRO B 143 -10.01 -28.36 -13.77
N GLN B 144 -9.72 -29.37 -12.91
CA GLN B 144 -8.65 -29.34 -11.90
C GLN B 144 -7.31 -29.33 -12.60
N VAL B 145 -7.17 -30.17 -13.64
CA VAL B 145 -5.94 -30.25 -14.46
C VAL B 145 -5.74 -28.95 -15.24
N LEU B 146 -6.79 -28.47 -15.92
CA LEU B 146 -6.68 -27.23 -16.69
C LEU B 146 -6.52 -25.96 -15.82
N GLY B 147 -7.18 -25.91 -14.67
CA GLY B 147 -7.09 -24.79 -13.74
C GLY B 147 -5.68 -24.63 -13.20
N GLU B 148 -5.05 -25.74 -12.77
CA GLU B 148 -3.65 -25.76 -12.31
C GLU B 148 -2.71 -25.32 -13.45
N ALA B 149 -2.96 -25.83 -14.68
CA ALA B 149 -2.14 -25.52 -15.86
C ALA B 149 -2.20 -24.03 -16.22
N LEU B 150 -3.42 -23.44 -16.19
CA LEU B 150 -3.67 -22.03 -16.49
C LEU B 150 -2.91 -21.14 -15.52
N VAL B 151 -2.93 -21.46 -14.23
CA VAL B 151 -2.24 -20.70 -13.17
C VAL B 151 -0.71 -20.79 -13.38
N ARG B 152 -0.18 -22.02 -13.53
CA ARG B 152 1.26 -22.26 -13.72
C ARG B 152 1.86 -21.53 -14.94
N ILE B 153 1.13 -21.45 -16.05
CA ILE B 153 1.61 -20.80 -17.29
C ILE B 153 1.51 -19.31 -17.23
N CYS B 154 0.50 -18.80 -16.52
CA CYS B 154 0.22 -17.37 -16.42
C CYS B 154 1.02 -16.64 -15.41
N ASP B 155 1.18 -17.21 -14.21
CA ASP B 155 1.81 -16.47 -13.14
C ASP B 155 3.24 -15.94 -13.38
N VAL B 156 4.09 -16.69 -14.11
CA VAL B 156 5.45 -16.24 -14.43
C VAL B 156 5.42 -15.01 -15.36
N HIS B 157 4.34 -14.84 -16.14
CA HIS B 157 4.16 -13.70 -17.04
C HIS B 157 3.63 -12.52 -16.26
N LEU B 158 2.61 -12.76 -15.41
CA LEU B 158 2.08 -11.68 -14.58
C LEU B 158 3.20 -11.03 -13.76
N TYR B 159 4.09 -11.85 -13.18
CA TYR B 159 5.17 -11.40 -12.33
C TYR B 159 6.52 -11.34 -13.03
N ALA B 160 6.55 -11.24 -14.39
CA ALA B 160 7.77 -11.14 -15.21
C ALA B 160 8.80 -10.09 -14.72
N PRO B 161 8.42 -8.89 -14.18
CA PRO B 161 9.46 -7.97 -13.68
C PRO B 161 10.30 -8.51 -12.52
N LEU B 162 9.75 -9.44 -11.72
CA LEU B 162 10.49 -10.06 -10.61
C LEU B 162 11.48 -11.10 -11.09
N LEU B 163 11.29 -11.55 -12.32
CA LEU B 163 12.11 -12.59 -12.94
C LEU B 163 13.09 -12.02 -13.95
N GLY B 164 13.30 -10.70 -13.90
CA GLY B 164 14.25 -10.02 -14.76
C GLY B 164 13.73 -9.34 -16.00
N ARG B 165 12.41 -9.33 -16.21
CA ARG B 165 11.84 -8.69 -17.40
C ARG B 165 11.38 -7.26 -17.16
N GLU B 166 10.97 -6.57 -18.22
CA GLU B 166 10.60 -5.16 -18.14
C GLU B 166 9.24 -4.88 -17.52
N LYS B 167 8.22 -5.69 -17.83
CA LYS B 167 6.85 -5.46 -17.39
C LYS B 167 6.03 -6.72 -17.24
N ALA B 168 4.83 -6.62 -16.61
CA ALA B 168 3.88 -7.73 -16.46
C ALA B 168 3.46 -8.08 -17.88
N GLU B 169 3.62 -9.35 -18.28
CA GLU B 169 3.29 -9.80 -19.63
C GLU B 169 1.86 -10.35 -19.71
N ILE B 170 0.88 -9.45 -19.54
CA ILE B 170 -0.54 -9.81 -19.52
C ILE B 170 -1.05 -10.41 -20.83
N GLU B 171 -0.74 -9.76 -21.98
CA GLU B 171 -1.18 -10.26 -23.28
C GLU B 171 -0.64 -11.60 -23.64
N THR B 172 0.63 -11.86 -23.30
CA THR B 172 1.25 -13.17 -23.51
C THR B 172 0.56 -14.22 -22.62
N ALA B 173 0.20 -13.87 -21.38
CA ALA B 173 -0.47 -14.82 -20.50
C ALA B 173 -1.85 -15.14 -21.07
N LEU B 174 -2.56 -14.11 -21.62
CA LEU B 174 -3.88 -14.30 -22.25
C LEU B 174 -3.81 -15.18 -23.49
N ASP B 175 -2.70 -15.08 -24.26
CA ASP B 175 -2.47 -15.89 -25.48
C ASP B 175 -2.33 -17.36 -25.08
N LEU B 176 -1.64 -17.62 -23.94
CA LEU B 176 -1.44 -18.97 -23.37
C LEU B 176 -2.75 -19.57 -22.86
N ILE B 177 -3.61 -18.76 -22.21
CA ILE B 177 -4.95 -19.19 -21.77
C ILE B 177 -5.79 -19.60 -22.98
N ALA B 178 -5.85 -18.74 -24.03
CA ALA B 178 -6.56 -19.03 -25.29
C ALA B 178 -6.02 -20.32 -25.93
N LEU B 179 -4.69 -20.51 -25.98
CA LEU B 179 -4.06 -21.72 -26.50
C LEU B 179 -4.46 -22.94 -25.71
N LEU B 180 -4.51 -22.82 -24.38
CA LEU B 180 -4.93 -23.92 -23.52
C LEU B 180 -6.41 -24.27 -23.69
N LEU B 181 -7.27 -23.27 -23.92
CA LEU B 181 -8.71 -23.51 -24.13
C LEU B 181 -9.06 -23.90 -25.58
N GLY B 182 -8.08 -23.89 -26.49
CA GLY B 182 -8.29 -24.23 -27.90
C GLY B 182 -8.93 -23.14 -28.74
N VAL B 183 -8.75 -21.85 -28.36
CA VAL B 183 -9.29 -20.71 -29.13
C VAL B 183 -8.19 -19.80 -29.67
N THR B 184 -8.52 -18.92 -30.60
CA THR B 184 -7.54 -17.99 -31.19
C THR B 184 -7.74 -16.57 -30.70
N ARG B 185 -6.65 -15.82 -30.67
CA ARG B 185 -6.66 -14.40 -30.35
C ARG B 185 -6.14 -13.67 -31.59
N ASN B 186 -7.00 -12.87 -32.21
CA ASN B 186 -6.63 -12.13 -33.43
C ASN B 186 -6.17 -10.72 -33.03
N HIS B 187 -4.85 -10.53 -32.83
CA HIS B 187 -4.24 -9.27 -32.42
C HIS B 187 -4.08 -8.32 -33.59
N HIS B 188 -4.21 -7.01 -33.32
CA HIS B 188 -3.99 -5.92 -34.28
C HIS B 188 -3.42 -4.73 -33.52
N HIS B 189 -2.41 -4.04 -34.11
CA HIS B 189 -1.69 -2.86 -33.57
C HIS B 189 -1.63 -2.73 -32.03
#